data_6MGD
#
_entry.id   6MGD
#
_cell.length_a   55.670
_cell.length_b   79.820
_cell.length_c   77.400
_cell.angle_alpha   90.00
_cell.angle_beta   109.12
_cell.angle_gamma   90.00
#
_symmetry.space_group_name_H-M   'P 1 21 1'
#
loop_
_entity.id
_entity.type
_entity.pdbx_description
1 polymer 'Capsular polysaccharide export system protein KpsC'
2 water water
#
_entity_poly.entity_id   1
_entity_poly.type   'polypeptide(L)'
_entity_poly.pdbx_seq_one_letter_code
;MEDFYTYKFSLWKIRIIKRFFPTVKGNLSSRQEVEDLCQKKGKIRLLVWGSTLENERVNFNKSVEVYRLEDGFIRSIGLG
IRLSIPISLVADPIGIYYDATKPSYLEEILLARKFDNVILERAQRVIELLRRYKITKYNISTDKKWRPPRTDKKIIVVPG
QVESDASIKFGSPYIKTNLELLKSVREHNPNAYIVYKPHPDVVGGYRKGSYKPGELLKFCDEICVNSSSYDIISYADEVH
VLTSLFGFEALIAGKPVTCYGHPFYAGYGLTTDIYPHPRRNIKLSLQELVAGALLLYPMYVSLIDGNRISAEEAIFELVN
LKKNLPHHHHHH
;
_entity_poly.pdbx_strand_id   A,B
#
# COMPACT_ATOMS: atom_id res chain seq x y z
N GLU A 2 -7.56 -30.79 23.63
CA GLU A 2 -8.33 -29.74 22.96
C GLU A 2 -7.47 -28.49 22.78
N ASP A 3 -6.27 -28.67 22.23
CA ASP A 3 -5.31 -27.59 22.12
C ASP A 3 -5.43 -26.83 20.80
N PHE A 4 -5.41 -27.53 19.68
CA PHE A 4 -5.41 -26.89 18.36
C PHE A 4 -6.54 -27.40 17.49
N TYR A 5 -7.02 -26.52 16.62
CA TYR A 5 -8.03 -26.84 15.64
C TYR A 5 -7.56 -26.36 14.27
N THR A 6 -7.98 -27.08 13.23
CA THR A 6 -7.63 -26.73 11.85
C THR A 6 -8.84 -26.10 11.15
N TYR A 7 -8.53 -25.23 10.19
CA TYR A 7 -9.56 -24.50 9.45
C TYR A 7 -9.50 -24.90 7.99
N LYS A 8 -10.47 -25.71 7.56
CA LYS A 8 -10.65 -26.07 6.15
C LYS A 8 -9.40 -26.74 5.58
N PHE A 9 -8.89 -27.72 6.33
CA PHE A 9 -7.77 -28.53 5.88
C PHE A 9 -8.28 -29.81 5.24
N SER A 10 -7.56 -30.28 4.22
CA SER A 10 -7.84 -31.59 3.68
C SER A 10 -7.34 -32.68 4.64
N LEU A 11 -7.94 -33.86 4.53
CA LEU A 11 -7.57 -34.99 5.38
C LEU A 11 -6.08 -35.25 5.32
N TRP A 12 -5.52 -35.35 4.11
CA TRP A 12 -4.08 -35.53 3.94
C TRP A 12 -3.30 -34.44 4.65
N LYS A 13 -3.74 -33.18 4.51
CA LYS A 13 -3.04 -32.08 5.17
C LYS A 13 -3.14 -32.17 6.69
N ILE A 14 -4.27 -32.67 7.21
CA ILE A 14 -4.43 -32.79 8.66
C ILE A 14 -3.39 -33.75 9.23
N ARG A 15 -3.22 -34.90 8.57
CA ARG A 15 -2.23 -35.88 9.04
C ARG A 15 -0.83 -35.31 9.01
N ILE A 16 -0.50 -34.53 7.98
CA ILE A 16 0.81 -33.90 7.90
C ILE A 16 0.97 -32.90 9.04
N ILE A 17 -0.04 -32.08 9.29
CA ILE A 17 0.05 -31.07 10.34
C ILE A 17 0.17 -31.74 11.71
N LYS A 18 -0.49 -32.89 11.89
CA LYS A 18 -0.44 -33.58 13.16
C LYS A 18 0.96 -34.04 13.52
N ARG A 19 1.86 -34.17 12.54
CA ARG A 19 3.26 -34.45 12.84
C ARG A 19 3.87 -33.32 13.65
N PHE A 20 3.51 -32.07 13.33
CA PHE A 20 4.03 -30.91 14.03
C PHE A 20 3.15 -30.49 15.20
N PHE A 21 1.84 -30.72 15.11
CA PHE A 21 0.90 -30.43 16.18
C PHE A 21 0.19 -31.73 16.54
N PRO A 22 0.75 -32.53 17.45
CA PRO A 22 0.11 -33.81 17.80
C PRO A 22 -1.20 -33.65 18.55
N THR A 23 -1.54 -32.45 19.00
CA THR A 23 -2.76 -32.20 19.76
C THR A 23 -3.89 -31.65 18.89
N VAL A 24 -3.80 -31.80 17.57
CA VAL A 24 -4.89 -31.39 16.70
C VAL A 24 -6.12 -32.23 17.03
N LYS A 25 -7.26 -31.56 17.19
CA LYS A 25 -8.46 -32.21 17.70
C LYS A 25 -9.60 -32.29 16.69
N GLY A 26 -9.83 -31.24 15.91
CA GLY A 26 -10.94 -31.26 14.98
C GLY A 26 -10.74 -30.25 13.88
N ASN A 27 -11.50 -30.43 12.81
CA ASN A 27 -11.40 -29.60 11.62
C ASN A 27 -12.68 -28.76 11.50
N LEU A 28 -12.53 -27.45 11.66
CA LEU A 28 -13.65 -26.52 11.54
C LEU A 28 -13.79 -26.10 10.08
N SER A 29 -15.01 -26.17 9.56
CA SER A 29 -15.25 -26.02 8.12
C SER A 29 -15.89 -24.69 7.75
N SER A 30 -16.13 -23.79 8.69
CA SER A 30 -16.75 -22.52 8.38
C SER A 30 -16.48 -21.52 9.49
N ARG A 31 -16.66 -20.24 9.18
CA ARG A 31 -16.46 -19.20 10.18
C ARG A 31 -17.47 -19.31 11.32
N GLN A 32 -18.68 -19.78 11.02
CA GLN A 32 -19.67 -19.96 12.09
C GLN A 32 -19.23 -21.03 13.08
N GLU A 33 -18.62 -22.11 12.58
CA GLU A 33 -18.14 -23.15 13.49
C GLU A 33 -17.02 -22.63 14.37
N VAL A 34 -16.18 -21.72 13.85
CA VAL A 34 -15.14 -21.13 14.66
C VAL A 34 -15.74 -20.25 15.76
N GLU A 35 -16.76 -19.46 15.42
CA GLU A 35 -17.39 -18.59 16.42
C GLU A 35 -18.15 -19.40 17.46
N ASP A 36 -18.84 -20.46 17.05
CA ASP A 36 -19.59 -21.29 18.00
C ASP A 36 -18.65 -21.96 18.98
N LEU A 37 -17.54 -22.52 18.50
CA LEU A 37 -16.63 -23.23 19.38
C LEU A 37 -15.90 -22.29 20.33
N CYS A 38 -15.65 -21.04 19.91
CA CYS A 38 -14.86 -20.12 20.72
C CYS A 38 -15.59 -19.76 22.01
N GLN A 39 -16.82 -19.24 21.90
CA GLN A 39 -17.57 -18.92 23.11
C GLN A 39 -17.97 -20.16 23.90
N LYS A 40 -17.81 -21.35 23.31
CA LYS A 40 -18.10 -22.60 24.02
C LYS A 40 -16.94 -23.02 24.91
N LYS A 41 -15.71 -22.64 24.55
CA LYS A 41 -14.52 -23.00 25.31
C LYS A 41 -13.76 -21.78 25.83
N GLY A 42 -14.28 -20.58 25.63
CA GLY A 42 -13.59 -19.38 26.06
C GLY A 42 -12.54 -18.87 25.10
N LYS A 43 -11.71 -19.76 24.56
CA LYS A 43 -10.71 -19.40 23.56
C LYS A 43 -10.27 -20.66 22.85
N ILE A 44 -9.93 -20.52 21.57
CA ILE A 44 -9.50 -21.65 20.75
C ILE A 44 -8.23 -21.26 20.00
N ARG A 45 -7.47 -22.28 19.61
CA ARG A 45 -6.30 -22.14 18.75
C ARG A 45 -6.67 -22.69 17.38
N LEU A 46 -6.73 -21.82 16.38
CA LEU A 46 -7.10 -22.20 15.03
C LEU A 46 -5.87 -22.27 14.14
N LEU A 47 -5.75 -23.36 13.39
CA LEU A 47 -4.70 -23.53 12.40
C LEU A 47 -5.26 -23.21 11.02
N VAL A 48 -4.76 -22.16 10.40
CA VAL A 48 -5.18 -21.75 9.07
C VAL A 48 -3.98 -21.80 8.15
N TRP A 49 -4.25 -22.00 6.86
CA TRP A 49 -3.20 -22.17 5.86
C TRP A 49 -3.03 -20.89 5.06
N GLY A 50 -1.85 -20.29 5.14
CA GLY A 50 -1.53 -19.16 4.29
C GLY A 50 -2.46 -17.99 4.54
N SER A 51 -2.96 -17.41 3.45
CA SER A 51 -3.84 -16.25 3.50
C SER A 51 -5.30 -16.64 3.31
N THR A 52 -5.72 -17.77 3.89
CA THR A 52 -7.08 -18.25 3.70
C THR A 52 -8.10 -17.26 4.28
N LEU A 53 -7.82 -16.73 5.47
CA LEU A 53 -8.76 -15.80 6.09
C LEU A 53 -8.82 -14.48 5.33
N GLU A 54 -7.67 -14.01 4.83
CA GLU A 54 -7.66 -12.75 4.09
C GLU A 54 -8.37 -12.90 2.75
N ASN A 55 -8.23 -14.05 2.10
CA ASN A 55 -8.93 -14.27 0.83
C ASN A 55 -10.43 -14.33 1.02
N GLU A 56 -10.91 -14.76 2.19
CA GLU A 56 -12.33 -14.76 2.51
C GLU A 56 -12.76 -13.50 3.24
N ARG A 57 -11.82 -12.61 3.56
CA ARG A 57 -12.11 -11.37 4.30
C ARG A 57 -12.79 -11.66 5.63
N VAL A 58 -12.49 -12.82 6.22
CA VAL A 58 -13.08 -13.24 7.48
C VAL A 58 -12.13 -12.85 8.60
N ASN A 59 -12.69 -12.26 9.66
CA ASN A 59 -11.94 -11.88 10.85
C ASN A 59 -12.68 -12.39 12.08
N PHE A 60 -11.92 -12.94 13.03
CA PHE A 60 -12.45 -13.44 14.28
C PHE A 60 -12.03 -12.53 15.44
N ASN A 61 -12.74 -12.66 16.55
CA ASN A 61 -12.41 -11.89 17.74
C ASN A 61 -11.07 -12.34 18.31
N LYS A 62 -10.56 -11.56 19.27
CA LYS A 62 -9.22 -11.78 19.80
C LYS A 62 -9.08 -13.10 20.57
N SER A 63 -10.19 -13.74 20.95
CA SER A 63 -10.12 -15.02 21.63
C SER A 63 -9.84 -16.18 20.69
N VAL A 64 -9.92 -15.97 19.37
CA VAL A 64 -9.56 -17.00 18.40
C VAL A 64 -8.09 -16.75 18.02
N GLU A 65 -7.20 -17.52 18.64
CA GLU A 65 -5.78 -17.41 18.36
C GLU A 65 -5.48 -18.09 17.03
N VAL A 66 -5.01 -17.31 16.06
CA VAL A 66 -4.82 -17.80 14.69
C VAL A 66 -3.34 -18.06 14.46
N TYR A 67 -3.03 -19.27 13.98
CA TYR A 67 -1.71 -19.62 13.49
C TYR A 67 -1.82 -19.78 11.98
N ARG A 68 -0.99 -19.05 11.24
CA ARG A 68 -0.96 -19.14 9.79
C ARG A 68 0.19 -20.04 9.37
N LEU A 69 -0.16 -21.17 8.74
CA LEU A 69 0.81 -22.20 8.38
C LEU A 69 1.25 -22.05 6.94
N GLU A 70 2.43 -22.60 6.65
CA GLU A 70 3.01 -22.60 5.32
C GLU A 70 4.19 -23.57 5.33
N ASP A 71 4.55 -24.05 4.13
CA ASP A 71 5.69 -24.94 4.01
C ASP A 71 6.97 -24.25 4.46
N GLY A 72 7.93 -25.05 4.91
CA GLY A 72 9.20 -24.52 5.36
C GLY A 72 10.03 -23.97 4.23
N PHE A 73 11.22 -23.47 4.59
CA PHE A 73 12.15 -22.96 3.60
C PHE A 73 13.15 -24.00 3.14
N ILE A 74 13.61 -24.88 4.03
CA ILE A 74 14.67 -25.83 3.67
C ILE A 74 14.15 -26.93 2.76
N ARG A 75 12.92 -27.40 3.00
CA ARG A 75 12.29 -28.39 2.14
C ARG A 75 12.24 -27.97 0.67
N SER A 76 12.57 -26.72 0.34
CA SER A 76 12.29 -26.18 -0.97
C SER A 76 13.50 -25.62 -1.72
N ILE A 77 14.55 -25.21 -0.99
CA ILE A 77 15.59 -24.37 -1.60
C ILE A 77 16.79 -25.18 -2.09
N GLY A 78 16.57 -26.12 -3.00
CA GLY A 78 17.70 -26.62 -3.78
C GLY A 78 18.07 -28.08 -3.62
N LEU A 79 18.18 -28.55 -2.38
CA LEU A 79 18.71 -29.88 -2.09
C LEU A 79 18.05 -31.00 -2.89
N SER A 84 8.18 -33.67 -0.38
CA SER A 84 6.84 -34.17 -0.64
C SER A 84 6.09 -34.34 0.68
N ILE A 85 6.65 -35.12 1.59
CA ILE A 85 6.25 -35.11 3.00
C ILE A 85 7.13 -34.10 3.71
N PRO A 86 6.59 -32.96 4.14
CA PRO A 86 7.45 -31.85 4.58
C PRO A 86 8.29 -32.22 5.80
N ILE A 87 9.56 -31.85 5.74
CA ILE A 87 10.41 -31.92 6.93
C ILE A 87 10.37 -30.63 7.72
N SER A 88 9.96 -29.53 7.11
CA SER A 88 9.88 -28.23 7.76
C SER A 88 8.48 -27.66 7.62
N LEU A 89 8.00 -27.01 8.68
CA LEU A 89 6.71 -26.34 8.67
C LEU A 89 6.86 -24.97 9.31
N VAL A 90 6.13 -23.99 8.78
CA VAL A 90 6.13 -22.63 9.31
C VAL A 90 4.81 -22.41 10.03
N ALA A 91 4.89 -21.98 11.30
CA ALA A 91 3.72 -21.69 12.11
C ALA A 91 3.86 -20.28 12.67
N ASP A 92 3.15 -19.34 12.06
CA ASP A 92 3.27 -17.93 12.41
C ASP A 92 2.03 -17.49 13.19
N PRO A 93 2.17 -17.10 14.47
CA PRO A 93 0.99 -16.70 15.25
C PRO A 93 0.57 -15.24 15.10
N ILE A 94 1.35 -14.43 14.39
CA ILE A 94 1.06 -13.02 14.22
C ILE A 94 0.61 -12.72 12.79
N GLY A 95 1.32 -13.25 11.80
CA GLY A 95 0.96 -13.10 10.41
C GLY A 95 1.50 -14.22 9.55
N ILE A 96 2.24 -13.88 8.49
CA ILE A 96 2.93 -14.88 7.69
C ILE A 96 4.04 -14.17 6.93
N TYR A 97 5.08 -14.93 6.58
CA TYR A 97 6.33 -14.30 6.14
C TYR A 97 6.16 -13.52 4.85
N TYR A 98 5.34 -14.02 3.92
CA TYR A 98 5.21 -13.37 2.62
C TYR A 98 4.20 -12.21 2.63
N ASP A 99 3.52 -11.98 3.74
CA ASP A 99 2.56 -10.88 3.85
C ASP A 99 3.31 -9.66 4.38
N ALA A 100 3.68 -8.76 3.47
CA ALA A 100 4.38 -7.53 3.84
C ALA A 100 3.44 -6.39 4.20
N THR A 101 2.12 -6.61 4.15
CA THR A 101 1.20 -5.56 4.51
C THR A 101 0.93 -5.51 6.00
N LYS A 102 1.11 -6.63 6.69
CA LYS A 102 0.91 -6.76 8.12
C LYS A 102 2.15 -7.37 8.75
N PRO A 103 2.35 -7.16 10.05
CA PRO A 103 3.53 -7.73 10.71
C PRO A 103 3.51 -9.26 10.69
N SER A 104 4.70 -9.84 10.72
CA SER A 104 4.88 -11.28 10.79
C SER A 104 5.80 -11.62 11.96
N TYR A 105 5.70 -12.87 12.43
CA TYR A 105 6.57 -13.30 13.53
C TYR A 105 8.02 -13.40 13.09
N LEU A 106 8.27 -13.73 11.82
CA LEU A 106 9.64 -13.70 11.31
C LEU A 106 10.20 -12.28 11.37
N GLU A 107 9.39 -11.29 11.02
CA GLU A 107 9.84 -9.91 11.06
C GLU A 107 10.12 -9.45 12.48
N GLU A 108 9.33 -9.92 13.45
CA GLU A 108 9.59 -9.58 14.85
C GLU A 108 10.85 -10.24 15.36
N ILE A 109 11.14 -11.47 14.91
CA ILE A 109 12.38 -12.13 15.29
C ILE A 109 13.57 -11.34 14.80
N LEU A 110 13.55 -10.93 13.54
CA LEU A 110 14.68 -10.23 12.96
C LEU A 110 14.85 -8.83 13.55
N LEU A 111 13.76 -8.20 13.97
CA LEU A 111 13.85 -6.88 14.59
C LEU A 111 14.42 -6.97 16.00
N ALA A 112 13.87 -7.87 16.82
CA ALA A 112 14.43 -8.08 18.15
C ALA A 112 15.87 -8.56 18.09
N ARG A 113 16.20 -9.34 17.06
CA ARG A 113 17.54 -9.78 16.69
C ARG A 113 18.43 -10.13 17.88
N LYS A 114 17.84 -10.75 18.91
CA LYS A 114 18.64 -11.27 20.02
C LYS A 114 19.30 -12.56 19.55
N PHE A 115 20.45 -12.42 18.87
CA PHE A 115 21.17 -13.55 18.30
C PHE A 115 22.52 -13.66 19.00
N ASP A 116 22.63 -14.61 19.91
CA ASP A 116 23.88 -14.81 20.63
C ASP A 116 24.94 -15.42 19.70
N ASN A 117 26.16 -15.56 20.23
CA ASN A 117 27.27 -16.01 19.41
C ASN A 117 27.08 -17.44 18.94
N VAL A 118 26.35 -18.27 19.68
CA VAL A 118 26.23 -19.68 19.34
C VAL A 118 25.36 -19.86 18.10
N ILE A 119 24.22 -19.17 18.04
CA ILE A 119 23.32 -19.33 16.91
C ILE A 119 23.93 -18.73 15.63
N LEU A 120 24.83 -17.76 15.76
CA LEU A 120 25.52 -17.26 14.58
C LEU A 120 26.47 -18.29 13.99
N GLU A 121 27.04 -19.15 14.83
CA GLU A 121 27.89 -20.23 14.32
C GLU A 121 27.08 -21.20 13.47
N ARG A 122 25.93 -21.65 13.99
CA ARG A 122 25.09 -22.58 13.23
C ARG A 122 24.64 -21.96 11.91
N ALA A 123 24.27 -20.68 11.93
CA ALA A 123 23.87 -20.01 10.69
C ALA A 123 24.98 -20.04 9.66
N GLN A 124 26.23 -19.84 10.09
CA GLN A 124 27.34 -19.91 9.15
C GLN A 124 27.57 -21.34 8.67
N ARG A 125 27.33 -22.33 9.54
CA ARG A 125 27.44 -23.72 9.12
C ARG A 125 26.33 -24.08 8.12
N VAL A 126 25.12 -23.56 8.34
CA VAL A 126 24.02 -23.86 7.43
C VAL A 126 24.26 -23.22 6.07
N ILE A 127 24.83 -22.02 6.05
CA ILE A 127 25.14 -21.37 4.78
C ILE A 127 26.17 -22.20 4.01
N GLU A 128 27.23 -22.62 4.69
CA GLU A 128 28.25 -23.43 4.03
C GLU A 128 27.68 -24.77 3.59
N LEU A 129 26.80 -25.36 4.41
CA LEU A 129 26.18 -26.64 4.04
C LEU A 129 25.34 -26.51 2.77
N LEU A 130 24.56 -25.43 2.67
CA LEU A 130 23.67 -25.26 1.53
C LEU A 130 24.45 -25.00 0.24
N ARG A 131 25.48 -24.17 0.32
CA ARG A 131 26.27 -23.86 -0.87
C ARG A 131 26.94 -25.10 -1.45
N ARG A 132 27.25 -26.09 -0.60
CA ARG A 132 27.95 -27.28 -1.05
C ARG A 132 27.04 -28.38 -1.57
N TYR A 133 25.85 -28.53 -0.98
CA TYR A 133 24.90 -29.49 -1.52
C TYR A 133 24.03 -28.89 -2.62
N LYS A 134 24.34 -27.66 -3.03
CA LYS A 134 24.22 -27.10 -4.39
C LYS A 134 24.17 -25.59 -4.31
N ARG A 147 24.88 -23.68 -22.17
CA ARG A 147 24.02 -23.02 -21.18
C ARG A 147 24.34 -21.51 -21.04
N PRO A 148 25.51 -21.15 -20.51
CA PRO A 148 25.74 -19.75 -20.16
C PRO A 148 26.29 -18.97 -21.34
N PRO A 149 25.65 -17.86 -21.71
CA PRO A 149 26.11 -17.10 -22.87
C PRO A 149 27.46 -16.44 -22.60
N ARG A 150 28.26 -16.37 -23.66
CA ARG A 150 29.56 -15.71 -23.62
C ARG A 150 29.39 -14.31 -24.19
N THR A 151 29.32 -13.32 -23.32
CA THR A 151 29.11 -11.94 -23.76
C THR A 151 29.79 -10.99 -22.78
N ASP A 152 29.89 -9.73 -23.19
CA ASP A 152 30.46 -8.68 -22.37
C ASP A 152 29.41 -7.99 -21.50
N LYS A 153 28.13 -8.26 -21.72
CA LYS A 153 27.06 -7.63 -20.95
C LYS A 153 26.91 -8.30 -19.60
N LYS A 154 26.32 -7.56 -18.66
CA LYS A 154 26.05 -8.11 -17.34
C LYS A 154 24.94 -9.16 -17.43
N ILE A 155 25.18 -10.32 -16.83
CA ILE A 155 24.24 -11.43 -16.86
C ILE A 155 23.22 -11.23 -15.74
N ILE A 156 21.95 -11.07 -16.12
CA ILE A 156 20.85 -10.96 -15.18
C ILE A 156 19.90 -12.14 -15.39
N VAL A 157 19.48 -12.77 -14.29
CA VAL A 157 18.55 -13.90 -14.31
C VAL A 157 17.26 -13.47 -13.61
N VAL A 158 16.13 -13.86 -14.18
CA VAL A 158 14.82 -13.54 -13.62
C VAL A 158 14.00 -14.81 -13.51
N PRO A 159 13.73 -15.31 -12.30
CA PRO A 159 12.89 -16.51 -12.15
C PRO A 159 11.42 -16.14 -12.17
N GLY A 160 10.69 -16.71 -13.12
CA GLY A 160 9.26 -16.47 -13.17
C GLY A 160 8.53 -17.16 -12.03
N GLN A 161 7.38 -16.59 -11.67
CA GLN A 161 6.54 -17.13 -10.61
C GLN A 161 5.16 -17.45 -11.16
N VAL A 162 4.41 -18.25 -10.41
CA VAL A 162 2.99 -18.43 -10.67
C VAL A 162 2.27 -17.17 -10.19
N GLU A 163 1.60 -16.48 -11.11
CA GLU A 163 1.08 -15.15 -10.81
C GLU A 163 -0.05 -15.18 -9.79
N SER A 164 -0.73 -16.31 -9.63
CA SER A 164 -1.80 -16.43 -8.65
C SER A 164 -1.29 -16.71 -7.24
N ASP A 165 0.03 -16.69 -7.03
CA ASP A 165 0.59 -16.98 -5.72
C ASP A 165 0.28 -15.85 -4.73
N ALA A 166 0.11 -16.23 -3.46
CA ALA A 166 -0.22 -15.25 -2.43
C ALA A 166 0.92 -14.27 -2.18
N SER A 167 2.18 -14.72 -2.34
CA SER A 167 3.31 -13.84 -2.09
C SER A 167 3.35 -12.65 -3.05
N ILE A 168 2.70 -12.76 -4.22
CA ILE A 168 2.62 -11.60 -5.09
C ILE A 168 1.45 -10.71 -4.69
N LYS A 169 0.35 -11.31 -4.24
CA LYS A 169 -0.81 -10.54 -3.82
C LYS A 169 -0.51 -9.69 -2.59
N PHE A 170 0.07 -10.30 -1.55
CA PHE A 170 0.34 -9.61 -0.30
C PHE A 170 1.80 -9.20 -0.15
N GLY A 171 2.65 -9.50 -1.13
CA GLY A 171 4.06 -9.20 -0.98
C GLY A 171 4.62 -8.28 -2.04
N SER A 172 3.86 -8.02 -3.10
CA SER A 172 4.32 -7.14 -4.17
C SER A 172 3.43 -5.89 -4.21
N PRO A 173 3.97 -4.71 -3.88
CA PRO A 173 3.10 -3.52 -3.79
C PRO A 173 2.66 -2.95 -5.13
N TYR A 174 3.34 -3.28 -6.22
CA TYR A 174 3.08 -2.62 -7.49
C TYR A 174 3.06 -3.59 -8.67
N ILE A 175 4.16 -4.31 -8.86
CA ILE A 175 4.27 -5.24 -9.98
C ILE A 175 3.53 -6.54 -9.63
N LYS A 176 2.69 -7.01 -10.55
CA LYS A 176 1.87 -8.18 -10.30
C LYS A 176 2.03 -9.29 -11.33
N THR A 177 2.74 -9.08 -12.42
CA THR A 177 2.87 -10.09 -13.46
C THR A 177 4.35 -10.29 -13.80
N ASN A 178 4.64 -11.43 -14.45
CA ASN A 178 5.99 -11.66 -14.92
C ASN A 178 6.36 -10.70 -16.04
N LEU A 179 5.40 -10.37 -16.90
CA LEU A 179 5.67 -9.45 -18.00
C LEU A 179 6.03 -8.06 -17.49
N GLU A 180 5.29 -7.56 -16.50
CA GLU A 180 5.65 -6.30 -15.87
C GLU A 180 6.98 -6.39 -15.15
N LEU A 181 7.28 -7.55 -14.55
CA LEU A 181 8.59 -7.74 -13.95
C LEU A 181 9.69 -7.68 -15.01
N LEU A 182 9.55 -8.49 -16.05
CA LEU A 182 10.54 -8.48 -17.13
C LEU A 182 10.63 -7.10 -17.78
N LYS A 183 9.49 -6.42 -17.92
CA LYS A 183 9.51 -5.03 -18.39
C LYS A 183 10.33 -4.15 -17.46
N SER A 184 9.98 -4.16 -16.17
CA SER A 184 10.69 -3.32 -15.20
C SER A 184 12.16 -3.68 -15.10
N VAL A 185 12.50 -4.97 -15.26
CA VAL A 185 13.91 -5.37 -15.20
C VAL A 185 14.68 -4.75 -16.35
N ARG A 186 14.10 -4.76 -17.55
CA ARG A 186 14.81 -4.22 -18.70
C ARG A 186 14.93 -2.70 -18.62
N GLU A 187 13.89 -2.02 -18.12
CA GLU A 187 13.95 -0.57 -18.04
C GLU A 187 15.08 -0.10 -17.13
N HIS A 188 15.32 -0.83 -16.03
CA HIS A 188 16.41 -0.48 -15.13
C HIS A 188 17.76 -0.98 -15.62
N ASN A 189 17.79 -1.92 -16.55
CA ASN A 189 19.04 -2.49 -17.06
C ASN A 189 18.97 -2.59 -18.57
N PRO A 190 19.24 -1.48 -19.29
CA PRO A 190 19.01 -1.48 -20.74
C PRO A 190 19.95 -2.38 -21.53
N ASN A 191 21.19 -2.56 -21.08
CA ASN A 191 22.20 -3.27 -21.86
C ASN A 191 22.55 -4.64 -21.32
N ALA A 192 22.02 -5.03 -20.16
CA ALA A 192 22.36 -6.31 -19.57
C ALA A 192 21.76 -7.46 -20.38
N TYR A 193 22.36 -8.64 -20.22
CA TYR A 193 21.83 -9.87 -20.82
C TYR A 193 20.82 -10.47 -19.84
N ILE A 194 19.55 -10.43 -20.20
CA ILE A 194 18.47 -10.89 -19.34
C ILE A 194 18.02 -12.26 -19.85
N VAL A 195 18.06 -13.25 -18.99
CA VAL A 195 17.55 -14.59 -19.28
C VAL A 195 16.40 -14.88 -18.33
N TYR A 196 15.24 -15.20 -18.90
CA TYR A 196 14.03 -15.44 -18.12
C TYR A 196 13.86 -16.93 -17.91
N LYS A 197 13.87 -17.36 -16.65
CA LYS A 197 13.60 -18.74 -16.30
C LYS A 197 12.15 -18.86 -15.85
N PRO A 198 11.24 -19.32 -16.71
CA PRO A 198 9.83 -19.40 -16.31
C PRO A 198 9.62 -20.45 -15.24
N HIS A 199 8.60 -20.23 -14.42
CA HIS A 199 8.29 -21.18 -13.36
C HIS A 199 7.87 -22.52 -13.98
N PRO A 200 8.28 -23.64 -13.40
CA PRO A 200 7.94 -24.94 -14.01
C PRO A 200 6.44 -25.21 -14.07
N ASP A 201 5.71 -24.86 -13.02
CA ASP A 201 4.30 -25.23 -12.91
C ASP A 201 3.39 -24.39 -13.81
N VAL A 202 3.96 -23.77 -14.84
CA VAL A 202 3.16 -23.02 -15.80
C VAL A 202 3.95 -22.83 -17.10
N PRO A 213 5.34 -15.89 -24.51
CA PRO A 213 6.67 -16.26 -25.02
C PRO A 213 7.22 -15.25 -26.02
N GLY A 214 6.42 -14.89 -27.02
CA GLY A 214 6.85 -13.92 -28.00
C GLY A 214 6.97 -12.51 -27.42
N GLU A 215 6.02 -12.13 -26.56
CA GLU A 215 6.09 -10.84 -25.90
C GLU A 215 7.07 -10.83 -24.74
N LEU A 216 7.47 -12.00 -24.23
CA LEU A 216 8.51 -12.06 -23.22
C LEU A 216 9.86 -11.69 -23.81
N LEU A 217 10.15 -12.17 -25.02
CA LEU A 217 11.43 -11.92 -25.68
C LEU A 217 11.62 -10.46 -26.06
N LYS A 218 10.57 -9.65 -26.05
CA LYS A 218 10.74 -8.22 -26.31
C LYS A 218 11.38 -7.48 -25.14
N PHE A 219 11.62 -8.17 -24.02
CA PHE A 219 12.32 -7.60 -22.88
C PHE A 219 13.40 -8.49 -22.30
N CYS A 220 13.38 -9.78 -22.56
CA CYS A 220 14.45 -10.69 -22.16
C CYS A 220 15.14 -11.25 -23.40
N ASP A 221 16.44 -11.51 -23.27
CA ASP A 221 17.23 -11.95 -24.41
C ASP A 221 16.92 -13.40 -24.77
N GLU A 222 17.00 -14.30 -23.80
CA GLU A 222 16.64 -15.70 -24.01
C GLU A 222 15.74 -16.16 -22.87
N ILE A 223 15.10 -17.31 -23.09
CA ILE A 223 14.15 -17.89 -22.14
C ILE A 223 14.68 -19.26 -21.77
N CYS A 224 15.30 -19.37 -20.60
CA CYS A 224 15.90 -20.64 -20.15
C CYS A 224 14.79 -21.54 -19.63
N VAL A 225 14.25 -22.39 -20.51
CA VAL A 225 13.11 -23.21 -20.17
C VAL A 225 13.48 -24.41 -19.29
N ASN A 226 14.74 -24.84 -19.29
CA ASN A 226 15.13 -25.85 -18.31
C ASN A 226 16.59 -25.73 -17.94
N SER A 227 17.26 -26.90 -17.90
CA SER A 227 18.52 -27.14 -17.22
C SER A 227 18.58 -26.49 -15.84
N SER A 228 18.50 -27.32 -14.79
CA SER A 228 19.11 -27.05 -13.49
C SER A 228 18.93 -25.63 -12.95
N SER A 229 17.95 -25.42 -12.06
CA SER A 229 17.67 -24.09 -11.51
C SER A 229 18.89 -23.46 -10.85
N TYR A 230 19.14 -23.83 -9.59
CA TYR A 230 20.25 -23.36 -8.77
C TYR A 230 21.58 -23.29 -9.50
N ASP A 231 21.79 -24.12 -10.52
CA ASP A 231 22.97 -24.01 -11.37
C ASP A 231 22.69 -23.19 -12.63
N ILE A 232 21.68 -22.33 -12.58
CA ILE A 232 21.66 -21.12 -13.39
C ILE A 232 22.10 -19.91 -12.56
N ILE A 233 22.02 -20.01 -11.22
CA ILE A 233 22.44 -18.91 -10.35
C ILE A 233 23.94 -18.65 -10.50
N SER A 234 24.74 -19.73 -10.50
CA SER A 234 26.19 -19.59 -10.50
C SER A 234 26.71 -18.88 -11.74
N TYR A 235 25.99 -18.99 -12.86
CA TYR A 235 26.37 -18.32 -14.09
C TYR A 235 25.90 -16.88 -14.16
N ALA A 236 25.11 -16.43 -13.18
CA ALA A 236 24.54 -15.09 -13.21
C ALA A 236 25.38 -14.11 -12.40
N ASP A 237 25.41 -12.86 -12.86
CA ASP A 237 26.04 -11.79 -12.11
C ASP A 237 25.11 -11.24 -11.04
N GLU A 238 23.83 -11.05 -11.39
CA GLU A 238 22.83 -10.56 -10.46
C GLU A 238 21.52 -11.31 -10.69
N VAL A 239 20.72 -11.44 -9.63
CA VAL A 239 19.43 -12.11 -9.68
C VAL A 239 18.34 -11.07 -9.40
N HIS A 240 17.39 -10.93 -10.33
CA HIS A 240 16.31 -9.96 -10.21
C HIS A 240 14.98 -10.69 -10.09
N VAL A 241 14.32 -10.55 -8.94
CA VAL A 241 13.12 -11.29 -8.62
C VAL A 241 12.00 -10.33 -8.25
N LEU A 242 10.80 -10.89 -8.09
CA LEU A 242 9.66 -10.16 -7.52
C LEU A 242 9.54 -10.51 -6.04
N THR A 243 8.93 -11.67 -5.73
CA THR A 243 8.86 -12.17 -4.36
C THR A 243 9.32 -13.61 -4.26
N SER A 244 10.11 -14.09 -5.22
CA SER A 244 10.43 -15.50 -5.29
C SER A 244 11.37 -15.92 -4.17
N LEU A 245 11.11 -17.08 -3.58
CA LEU A 245 12.04 -17.71 -2.66
C LEU A 245 13.39 -17.98 -3.33
N PHE A 246 13.39 -18.08 -4.66
CA PHE A 246 14.62 -18.20 -5.44
C PHE A 246 15.64 -17.15 -5.04
N GLY A 247 15.18 -15.94 -4.71
CA GLY A 247 16.09 -14.87 -4.33
C GLY A 247 16.74 -15.08 -2.98
N PHE A 248 16.05 -15.75 -2.06
CA PHE A 248 16.68 -16.10 -0.78
C PHE A 248 17.77 -17.14 -0.97
N GLU A 249 17.58 -18.06 -1.94
CA GLU A 249 18.62 -19.02 -2.25
C GLU A 249 19.83 -18.34 -2.88
N ALA A 250 19.59 -17.31 -3.71
CA ALA A 250 20.70 -16.59 -4.32
C ALA A 250 21.52 -15.86 -3.27
N LEU A 251 20.86 -15.32 -2.24
CA LEU A 251 21.58 -14.67 -1.14
C LEU A 251 22.51 -15.65 -0.44
N ILE A 252 22.03 -16.86 -0.17
CA ILE A 252 22.86 -17.89 0.44
C ILE A 252 24.04 -18.21 -0.47
N ALA A 253 23.80 -18.24 -1.78
CA ALA A 253 24.88 -18.49 -2.72
C ALA A 253 25.84 -17.32 -2.83
N GLY A 254 25.46 -16.15 -2.33
CA GLY A 254 26.32 -14.97 -2.34
C GLY A 254 26.15 -14.06 -3.53
N LYS A 255 25.22 -14.37 -4.44
CA LYS A 255 25.05 -13.53 -5.62
C LYS A 255 24.19 -12.31 -5.28
N PRO A 256 24.54 -11.13 -5.81
CA PRO A 256 23.70 -9.95 -5.57
C PRO A 256 22.31 -10.13 -6.16
N VAL A 257 21.31 -9.66 -5.43
CA VAL A 257 19.92 -9.86 -5.80
C VAL A 257 19.16 -8.56 -5.66
N THR A 258 18.41 -8.20 -6.71
CA THR A 258 17.54 -7.04 -6.71
C THR A 258 16.10 -7.49 -6.59
N CYS A 259 15.35 -6.86 -5.68
CA CYS A 259 13.96 -7.23 -5.42
C CYS A 259 13.04 -6.17 -6.00
N TYR A 260 12.07 -6.61 -6.79
CA TYR A 260 11.06 -5.71 -7.35
C TYR A 260 9.75 -5.73 -6.57
N GLY A 261 9.62 -6.64 -5.60
CA GLY A 261 8.51 -6.64 -4.66
C GLY A 261 9.03 -6.51 -3.25
N HIS A 262 8.37 -7.16 -2.29
CA HIS A 262 8.78 -7.12 -0.88
C HIS A 262 8.74 -8.52 -0.28
N PRO A 263 9.66 -9.40 -0.69
CA PRO A 263 9.74 -10.73 -0.07
C PRO A 263 10.23 -10.62 1.37
N PHE A 264 10.23 -11.77 2.05
CA PHE A 264 10.57 -11.79 3.47
C PHE A 264 12.02 -11.38 3.72
N TYR A 265 12.89 -11.51 2.73
CA TYR A 265 14.29 -11.15 2.87
C TYR A 265 14.60 -9.75 2.37
N ALA A 266 13.59 -8.99 1.97
CA ALA A 266 13.79 -7.62 1.49
C ALA A 266 13.68 -6.62 2.63
N GLY A 267 14.19 -5.42 2.38
CA GLY A 267 14.17 -4.36 3.36
C GLY A 267 15.27 -4.39 4.38
N TYR A 268 16.11 -5.44 4.40
CA TYR A 268 17.16 -5.58 5.40
C TYR A 268 18.54 -5.22 4.86
N GLY A 269 18.60 -4.55 3.71
CA GLY A 269 19.86 -4.10 3.16
C GLY A 269 20.72 -5.15 2.50
N LEU A 270 20.35 -6.43 2.60
CA LEU A 270 21.05 -7.48 1.87
C LEU A 270 20.70 -7.48 0.40
N THR A 271 19.58 -6.88 0.02
CA THR A 271 19.15 -6.79 -1.37
C THR A 271 18.92 -5.33 -1.73
N THR A 272 19.25 -4.97 -2.97
CA THR A 272 18.91 -3.67 -3.51
C THR A 272 17.44 -3.69 -3.91
N ASP A 273 16.60 -3.00 -3.13
CA ASP A 273 15.16 -3.06 -3.32
C ASP A 273 14.70 -1.92 -4.23
N ILE A 274 13.93 -2.28 -5.26
CA ILE A 274 13.41 -1.27 -6.18
C ILE A 274 12.42 -0.35 -5.45
N TYR A 275 11.43 -0.93 -4.81
CA TYR A 275 10.48 -0.17 -4.02
C TYR A 275 10.78 -0.34 -2.55
N PRO A 276 10.96 0.73 -1.79
CA PRO A 276 11.35 0.59 -0.37
C PRO A 276 10.26 -0.07 0.44
N HIS A 277 10.68 -0.86 1.43
CA HIS A 277 9.69 -1.48 2.31
C HIS A 277 9.20 -0.47 3.33
N PRO A 278 7.88 -0.30 3.46
CA PRO A 278 7.36 0.78 4.34
C PRO A 278 7.56 0.54 5.82
N ARG A 279 8.07 -0.63 6.23
CA ARG A 279 8.10 -0.99 7.64
C ARG A 279 9.42 -1.55 8.13
N ARG A 280 10.45 -1.59 7.29
CA ARG A 280 11.72 -2.21 7.66
C ARG A 280 12.85 -1.19 7.57
N ASN A 281 13.54 -0.97 8.69
CA ASN A 281 14.67 -0.05 8.76
C ASN A 281 15.99 -0.74 9.08
N ILE A 282 15.96 -1.98 9.55
CA ILE A 282 17.15 -2.64 10.11
C ILE A 282 18.02 -3.16 8.97
N LYS A 283 19.33 -3.01 9.14
CA LYS A 283 20.33 -3.58 8.24
C LYS A 283 20.87 -4.85 8.87
N LEU A 284 20.69 -5.99 8.21
CA LEU A 284 21.08 -7.28 8.73
C LEU A 284 22.22 -7.88 7.93
N SER A 285 22.90 -8.84 8.55
CA SER A 285 23.90 -9.65 7.87
C SER A 285 23.25 -10.96 7.41
N LEU A 286 23.94 -11.65 6.50
CA LEU A 286 23.40 -12.90 5.97
C LEU A 286 23.21 -13.93 7.08
N GLN A 287 24.08 -13.91 8.10
CA GLN A 287 23.92 -14.85 9.21
C GLN A 287 22.71 -14.52 10.06
N GLU A 288 22.45 -13.22 10.31
CA GLU A 288 21.25 -12.84 11.05
C GLU A 288 19.99 -13.27 10.30
N LEU A 289 19.97 -13.08 8.98
CA LEU A 289 18.83 -13.50 8.17
C LEU A 289 18.64 -15.01 8.26
N VAL A 290 19.72 -15.77 8.07
CA VAL A 290 19.63 -17.23 8.08
C VAL A 290 19.24 -17.73 9.46
N ALA A 291 19.87 -17.21 10.51
CA ALA A 291 19.54 -17.63 11.86
C ALA A 291 18.07 -17.39 12.19
N GLY A 292 17.50 -16.33 11.64
CA GLY A 292 16.09 -16.03 11.89
C GLY A 292 15.15 -16.79 10.99
N ALA A 293 15.41 -16.78 9.68
CA ALA A 293 14.49 -17.38 8.72
C ALA A 293 14.56 -18.90 8.73
N LEU A 294 15.75 -19.46 8.90
CA LEU A 294 15.95 -20.91 8.78
C LEU A 294 16.02 -21.64 10.12
N LEU A 295 16.58 -21.01 11.14
CA LEU A 295 16.86 -21.71 12.40
C LEU A 295 15.76 -21.54 13.44
N LEU A 296 15.24 -20.33 13.63
CA LEU A 296 14.24 -20.07 14.67
C LEU A 296 12.81 -20.07 14.15
N TYR A 297 12.57 -19.52 12.95
CA TYR A 297 11.19 -19.33 12.49
C TYR A 297 10.49 -20.65 12.19
N PRO A 298 11.03 -21.56 11.37
CA PRO A 298 10.27 -22.76 11.03
C PRO A 298 10.54 -23.92 11.98
N MET A 299 9.57 -24.82 12.05
CA MET A 299 9.72 -26.07 12.77
C MET A 299 10.37 -27.12 11.87
N TYR A 300 10.96 -28.13 12.50
CA TYR A 300 11.58 -29.23 11.78
C TYR A 300 11.26 -30.53 12.52
N VAL A 301 10.69 -31.50 11.81
CA VAL A 301 10.38 -32.81 12.35
C VAL A 301 11.05 -33.87 11.48
N SER A 302 11.74 -34.80 12.13
CA SER A 302 12.46 -35.85 11.40
C SER A 302 11.52 -36.71 10.59
N LEU A 303 11.93 -37.04 9.36
CA LEU A 303 11.13 -37.93 8.52
C LEU A 303 11.22 -39.37 8.97
N ILE A 304 12.24 -39.74 9.74
CA ILE A 304 12.49 -41.13 10.08
C ILE A 304 11.74 -41.52 11.36
N ASP A 305 11.97 -40.79 12.44
CA ASP A 305 11.36 -41.12 13.72
C ASP A 305 10.24 -40.17 14.14
N GLY A 306 10.13 -38.99 13.52
CA GLY A 306 9.06 -38.08 13.85
C GLY A 306 9.33 -37.14 15.00
N ASN A 307 10.58 -37.00 15.43
CA ASN A 307 10.92 -36.10 16.53
C ASN A 307 11.35 -34.74 16.00
N ARG A 308 11.30 -33.74 16.87
CA ARG A 308 11.77 -32.41 16.51
C ARG A 308 13.28 -32.40 16.41
N ILE A 309 13.81 -31.86 15.30
CA ILE A 309 15.24 -31.83 15.04
C ILE A 309 15.63 -30.40 14.64
N SER A 310 16.93 -30.15 14.65
CA SER A 310 17.44 -28.85 14.25
C SER A 310 17.44 -28.72 12.73
N ALA A 311 17.61 -27.48 12.25
CA ALA A 311 17.68 -27.24 10.82
C ALA A 311 18.88 -27.97 10.20
N GLU A 312 19.95 -28.17 10.97
CA GLU A 312 21.10 -28.90 10.45
C GLU A 312 20.78 -30.38 10.30
N GLU A 313 20.13 -30.97 11.30
CA GLU A 313 19.73 -32.37 11.21
C GLU A 313 18.72 -32.58 10.09
N ALA A 314 17.90 -31.57 9.80
CA ALA A 314 16.97 -31.67 8.68
C ALA A 314 17.72 -31.70 7.35
N ILE A 315 18.77 -30.89 7.22
CA ILE A 315 19.58 -30.94 6.01
C ILE A 315 20.30 -32.27 5.90
N PHE A 316 20.85 -32.77 7.02
CA PHE A 316 21.52 -34.07 7.00
C PHE A 316 20.56 -35.18 6.56
N GLU A 317 19.30 -35.10 6.98
CA GLU A 317 18.34 -36.13 6.59
C GLU A 317 18.02 -36.05 5.11
N LEU A 318 17.83 -34.84 4.58
CA LEU A 318 17.58 -34.68 3.15
C LEU A 318 18.82 -35.03 2.34
N VAL A 319 20.00 -34.71 2.87
CA VAL A 319 21.24 -35.04 2.19
C VAL A 319 21.46 -36.54 2.15
N ASN A 320 21.20 -37.23 3.26
CA ASN A 320 21.29 -38.69 3.29
C ASN A 320 20.11 -39.37 2.60
N LEU A 321 19.10 -38.62 2.17
CA LEU A 321 17.98 -39.21 1.45
C LEU A 321 18.28 -39.39 -0.04
N LYS A 322 19.05 -38.48 -0.64
CA LYS A 322 19.28 -38.54 -2.08
C LYS A 322 20.27 -39.64 -2.45
N LYS A 323 21.29 -39.86 -1.63
CA LYS A 323 22.25 -40.93 -1.90
C LYS A 323 21.92 -42.19 -1.11
N GLU B 2 0.18 31.83 -25.34
CA GLU B 2 0.19 30.89 -24.23
C GLU B 2 1.17 31.34 -23.16
N ASP B 3 0.67 32.09 -22.19
CA ASP B 3 1.48 32.60 -21.08
C ASP B 3 0.54 32.98 -19.95
N PHE B 4 1.07 32.93 -18.72
CA PHE B 4 0.26 33.08 -17.52
C PHE B 4 0.73 34.26 -16.69
N TYR B 5 -0.18 34.75 -15.85
CA TYR B 5 0.10 35.78 -14.87
C TYR B 5 -0.49 35.34 -13.54
N THR B 6 0.17 35.71 -12.45
CA THR B 6 -0.31 35.38 -11.12
C THR B 6 -1.05 36.56 -10.52
N TYR B 7 -2.02 36.26 -9.65
CA TYR B 7 -2.82 37.28 -8.98
C TYR B 7 -2.50 37.26 -7.49
N LYS B 8 -1.74 38.26 -7.05
CA LYS B 8 -1.42 38.47 -5.63
C LYS B 8 -0.75 37.24 -5.03
N PHE B 9 0.37 36.85 -5.62
CA PHE B 9 1.21 35.77 -5.13
C PHE B 9 2.48 36.35 -4.51
N SER B 10 2.91 35.77 -3.38
CA SER B 10 4.21 36.12 -2.85
C SER B 10 5.30 35.62 -3.78
N LEU B 11 6.49 36.23 -3.67
CA LEU B 11 7.60 35.82 -4.50
C LEU B 11 7.99 34.37 -4.25
N TRP B 12 7.77 33.88 -3.03
CA TRP B 12 8.00 32.47 -2.74
C TRP B 12 6.99 31.59 -3.45
N LYS B 13 5.72 32.00 -3.47
CA LYS B 13 4.70 31.20 -4.14
C LYS B 13 4.84 31.25 -5.66
N ILE B 14 5.41 32.34 -6.20
CA ILE B 14 5.64 32.43 -7.63
C ILE B 14 6.69 31.41 -8.07
N ARG B 15 7.78 31.29 -7.31
CA ARG B 15 8.80 30.31 -7.64
C ARG B 15 8.25 28.90 -7.60
N ILE B 16 7.34 28.62 -6.66
CA ILE B 16 6.77 27.28 -6.53
C ILE B 16 5.92 26.95 -7.75
N ILE B 17 4.94 27.81 -8.07
CA ILE B 17 4.06 27.52 -9.18
C ILE B 17 4.80 27.60 -10.51
N LYS B 18 5.91 28.34 -10.58
CA LYS B 18 6.71 28.38 -11.80
C LYS B 18 7.30 27.01 -12.14
N ARG B 19 7.38 26.11 -11.17
CA ARG B 19 7.72 24.72 -11.48
C ARG B 19 6.65 24.05 -12.32
N PHE B 20 5.39 24.44 -12.12
CA PHE B 20 4.26 23.90 -12.87
C PHE B 20 3.89 24.74 -14.08
N PHE B 21 4.12 26.05 -14.01
CA PHE B 21 3.88 26.98 -15.11
C PHE B 21 5.16 27.77 -15.34
N PRO B 22 6.11 27.21 -16.09
CA PRO B 22 7.39 27.91 -16.29
C PRO B 22 7.27 29.16 -17.15
N THR B 23 6.13 29.40 -17.80
CA THR B 23 5.96 30.56 -18.67
C THR B 23 5.15 31.67 -17.99
N VAL B 24 5.21 31.76 -16.66
CA VAL B 24 4.50 32.83 -15.96
C VAL B 24 5.20 34.15 -16.21
N LYS B 25 4.42 35.18 -16.55
CA LYS B 25 4.94 36.46 -17.01
C LYS B 25 4.64 37.60 -16.05
N GLY B 26 4.80 37.38 -14.75
CA GLY B 26 4.72 38.45 -13.78
C GLY B 26 3.47 38.35 -12.92
N ASN B 27 3.49 39.13 -11.84
CA ASN B 27 2.45 39.12 -10.81
C ASN B 27 1.69 40.44 -10.83
N LEU B 28 0.37 40.34 -10.76
CA LEU B 28 -0.51 41.50 -10.77
C LEU B 28 -1.07 41.74 -9.37
N SER B 29 -1.13 43.01 -8.97
CA SER B 29 -1.36 43.37 -7.57
C SER B 29 -2.78 43.84 -7.28
N SER B 30 -3.60 44.09 -8.29
CA SER B 30 -4.95 44.60 -8.03
C SER B 30 -5.86 44.23 -9.20
N ARG B 31 -7.16 44.45 -8.98
CA ARG B 31 -8.13 44.31 -10.06
C ARG B 31 -7.83 45.27 -11.20
N GLN B 32 -7.43 46.50 -10.88
CA GLN B 32 -7.15 47.49 -11.90
C GLN B 32 -6.00 47.06 -12.80
N GLU B 33 -4.97 46.43 -12.21
CA GLU B 33 -3.84 45.97 -13.02
C GLU B 33 -4.28 44.89 -14.00
N VAL B 34 -5.15 43.97 -13.56
CA VAL B 34 -5.58 42.87 -14.42
C VAL B 34 -6.36 43.41 -15.61
N GLU B 35 -7.30 44.33 -15.36
CA GLU B 35 -8.13 44.85 -16.44
C GLU B 35 -7.33 45.79 -17.35
N ASP B 36 -6.34 46.49 -16.79
CA ASP B 36 -5.47 47.31 -17.64
C ASP B 36 -4.64 46.43 -18.56
N LEU B 37 -4.23 45.25 -18.08
CA LEU B 37 -3.43 44.36 -18.90
C LEU B 37 -4.26 43.70 -20.00
N CYS B 38 -5.55 43.49 -19.76
CA CYS B 38 -6.37 42.76 -20.72
C CYS B 38 -6.68 43.60 -21.95
N GLN B 39 -6.85 44.91 -21.79
CA GLN B 39 -7.10 45.76 -22.95
C GLN B 39 -5.87 45.89 -23.84
N LYS B 40 -4.67 45.61 -23.30
CA LYS B 40 -3.47 45.68 -24.12
C LYS B 40 -3.24 44.38 -24.87
N LYS B 41 -3.39 43.24 -24.20
CA LYS B 41 -3.34 41.95 -24.85
C LYS B 41 -4.74 41.59 -25.36
N GLY B 42 -5.00 40.31 -25.60
CA GLY B 42 -6.33 39.90 -26.00
C GLY B 42 -7.05 39.19 -24.88
N LYS B 43 -6.46 38.10 -24.41
CA LYS B 43 -6.94 37.41 -23.24
C LYS B 43 -5.74 36.93 -22.44
N ILE B 44 -5.85 37.03 -21.12
CA ILE B 44 -4.79 36.60 -20.22
C ILE B 44 -5.30 35.41 -19.42
N ARG B 45 -4.37 34.54 -19.04
CA ARG B 45 -4.66 33.43 -18.15
C ARG B 45 -4.14 33.79 -16.77
N LEU B 46 -5.06 34.07 -15.85
CA LEU B 46 -4.72 34.57 -14.53
C LEU B 46 -4.72 33.41 -13.53
N LEU B 47 -3.59 33.23 -12.84
CA LEU B 47 -3.45 32.20 -11.82
C LEU B 47 -3.88 32.78 -10.48
N VAL B 48 -4.97 32.23 -9.92
CA VAL B 48 -5.53 32.69 -8.66
C VAL B 48 -5.51 31.53 -7.67
N TRP B 49 -5.16 31.83 -6.41
CA TRP B 49 -5.05 30.80 -5.38
C TRP B 49 -6.40 30.59 -4.71
N GLY B 50 -6.95 29.39 -4.86
CA GLY B 50 -8.15 29.02 -4.13
C GLY B 50 -9.32 29.93 -4.42
N SER B 51 -9.90 30.48 -3.36
CA SER B 51 -11.07 31.36 -3.45
C SER B 51 -10.69 32.82 -3.17
N THR B 52 -9.55 33.25 -3.70
CA THR B 52 -9.10 34.61 -3.45
C THR B 52 -10.03 35.63 -4.10
N LEU B 53 -10.56 35.31 -5.28
CA LEU B 53 -11.43 36.24 -5.99
C LEU B 53 -12.81 36.31 -5.35
N GLU B 54 -13.41 35.15 -5.02
CA GLU B 54 -14.74 35.15 -4.44
C GLU B 54 -14.76 35.79 -3.06
N ASN B 55 -13.63 35.71 -2.33
CA ASN B 55 -13.54 36.40 -1.05
C ASN B 55 -13.38 37.91 -1.22
N GLU B 56 -12.88 38.36 -2.37
CA GLU B 56 -12.80 39.77 -2.70
C GLU B 56 -14.04 40.28 -3.43
N ARG B 57 -15.01 39.41 -3.70
CA ARG B 57 -16.20 39.72 -4.49
C ARG B 57 -15.85 40.28 -5.87
N VAL B 58 -14.64 39.98 -6.35
CA VAL B 58 -14.16 40.49 -7.63
C VAL B 58 -14.48 39.47 -8.71
N ASN B 59 -14.98 39.96 -9.85
CA ASN B 59 -15.31 39.12 -10.98
C ASN B 59 -14.94 39.84 -12.27
N PHE B 60 -14.18 39.17 -13.12
CA PHE B 60 -13.80 39.69 -14.44
C PHE B 60 -14.71 39.11 -15.51
N ASN B 61 -14.80 39.82 -16.63
CA ASN B 61 -15.54 39.30 -17.76
C ASN B 61 -14.74 38.18 -18.44
N LYS B 62 -15.30 37.62 -19.50
CA LYS B 62 -14.71 36.48 -20.19
C LYS B 62 -13.34 36.80 -20.86
N SER B 63 -12.73 37.96 -20.64
CA SER B 63 -11.40 38.23 -21.20
C SER B 63 -10.29 37.56 -20.42
N VAL B 64 -10.55 37.18 -19.16
CA VAL B 64 -9.55 36.46 -18.36
C VAL B 64 -10.06 35.05 -18.15
N GLU B 65 -9.11 34.11 -18.12
CA GLU B 65 -9.40 32.71 -17.82
C GLU B 65 -8.79 32.43 -16.45
N VAL B 66 -9.64 32.37 -15.44
CA VAL B 66 -9.19 32.20 -14.06
C VAL B 66 -8.84 30.74 -13.83
N TYR B 67 -7.56 30.46 -13.57
CA TYR B 67 -7.11 29.16 -13.11
C TYR B 67 -7.03 29.22 -11.58
N ARG B 68 -7.93 28.51 -10.91
CA ARG B 68 -7.92 28.46 -9.45
C ARG B 68 -6.98 27.36 -8.99
N LEU B 69 -5.93 27.75 -8.27
CA LEU B 69 -4.86 26.86 -7.87
C LEU B 69 -5.08 26.35 -6.45
N GLU B 70 -4.55 25.15 -6.18
CA GLU B 70 -4.69 24.52 -4.89
C GLU B 70 -3.67 23.40 -4.75
N ASP B 71 -3.27 23.12 -3.52
CA ASP B 71 -2.37 22.00 -3.26
C ASP B 71 -2.95 20.70 -3.80
N GLY B 72 -2.05 19.80 -4.20
CA GLY B 72 -2.48 18.52 -4.71
C GLY B 72 -3.13 17.64 -3.64
N PHE B 73 -3.74 16.55 -4.11
CA PHE B 73 -4.45 15.65 -3.22
C PHE B 73 -3.56 14.61 -2.57
N ILE B 74 -2.39 14.33 -3.14
CA ILE B 74 -1.59 13.17 -2.71
C ILE B 74 -0.79 13.44 -1.46
N ARG B 75 -0.94 14.60 -0.84
CA ARG B 75 -0.32 14.85 0.45
C ARG B 75 -1.35 15.44 1.42
N SER B 84 4.24 20.91 2.29
CA SER B 84 5.63 21.38 2.37
C SER B 84 6.00 22.12 1.09
N ILE B 85 6.89 21.52 0.30
CA ILE B 85 7.11 21.91 -1.09
C ILE B 85 6.31 20.95 -1.96
N PRO B 86 5.36 21.42 -2.77
CA PRO B 86 4.38 20.52 -3.37
C PRO B 86 4.97 19.70 -4.51
N ILE B 87 4.66 18.41 -4.49
CA ILE B 87 4.89 17.57 -5.66
C ILE B 87 3.70 17.60 -6.60
N SER B 88 2.52 18.00 -6.11
CA SER B 88 1.32 18.07 -6.92
C SER B 88 0.70 19.45 -6.78
N LEU B 89 0.07 19.90 -7.86
CA LEU B 89 -0.70 21.15 -7.87
C LEU B 89 -1.97 20.93 -8.66
N VAL B 90 -3.06 21.46 -8.15
CA VAL B 90 -4.36 21.38 -8.81
C VAL B 90 -4.62 22.71 -9.50
N ALA B 91 -4.88 22.66 -10.81
CA ALA B 91 -5.15 23.85 -11.62
C ALA B 91 -6.47 23.64 -12.34
N ASP B 92 -7.48 24.43 -11.99
CA ASP B 92 -8.83 24.27 -12.51
C ASP B 92 -9.22 25.51 -13.31
N PRO B 93 -9.57 25.40 -14.58
CA PRO B 93 -9.96 26.56 -15.38
C PRO B 93 -11.46 26.88 -15.35
N ILE B 94 -12.27 26.04 -14.70
CA ILE B 94 -13.69 26.27 -14.59
C ILE B 94 -14.08 26.75 -13.19
N GLY B 95 -13.55 26.09 -12.16
CA GLY B 95 -13.81 26.48 -10.79
C GLY B 95 -12.78 25.93 -9.83
N ILE B 96 -13.23 25.15 -8.83
CA ILE B 96 -12.33 24.47 -7.92
C ILE B 96 -13.09 23.29 -7.35
N TYR B 97 -12.34 22.26 -6.91
CA TYR B 97 -12.96 20.99 -6.55
C TYR B 97 -13.86 21.10 -5.33
N TYR B 98 -13.58 22.04 -4.43
CA TYR B 98 -14.34 22.15 -3.19
C TYR B 98 -15.52 23.11 -3.26
N ASP B 99 -15.68 23.81 -4.38
CA ASP B 99 -16.82 24.72 -4.56
C ASP B 99 -17.94 23.94 -5.21
N ALA B 100 -18.86 23.41 -4.40
CA ALA B 100 -19.97 22.61 -4.90
C ALA B 100 -21.09 23.45 -5.49
N THR B 101 -20.99 24.79 -5.43
CA THR B 101 -22.07 25.63 -5.92
C THR B 101 -22.04 25.82 -7.43
N LYS B 102 -20.86 25.78 -8.02
CA LYS B 102 -20.68 25.99 -9.46
C LYS B 102 -19.78 24.90 -10.02
N PRO B 103 -19.85 24.64 -11.33
CA PRO B 103 -19.09 23.52 -11.89
C PRO B 103 -17.59 23.67 -11.70
N SER B 104 -16.92 22.52 -11.58
CA SER B 104 -15.47 22.45 -11.56
C SER B 104 -15.00 21.57 -12.72
N TYR B 105 -13.72 21.69 -13.06
CA TYR B 105 -13.17 20.84 -14.12
C TYR B 105 -13.09 19.39 -13.67
N LEU B 106 -12.92 19.14 -12.37
CA LEU B 106 -12.93 17.76 -11.88
C LEU B 106 -14.29 17.12 -12.08
N GLU B 107 -15.37 17.87 -11.82
CA GLU B 107 -16.71 17.35 -12.12
C GLU B 107 -16.84 16.98 -13.58
N GLU B 108 -16.29 17.81 -14.48
CA GLU B 108 -16.39 17.55 -15.90
C GLU B 108 -15.60 16.30 -16.30
N ILE B 109 -14.49 16.04 -15.62
CA ILE B 109 -13.71 14.83 -15.90
C ILE B 109 -14.49 13.59 -15.48
N LEU B 110 -15.02 13.60 -14.26
CA LEU B 110 -15.81 12.47 -13.77
C LEU B 110 -17.15 12.35 -14.50
N LEU B 111 -17.68 13.45 -15.03
CA LEU B 111 -18.92 13.41 -15.79
C LEU B 111 -18.72 12.75 -17.16
N ALA B 112 -17.59 13.03 -17.81
CA ALA B 112 -17.32 12.40 -19.09
C ALA B 112 -16.93 10.94 -18.95
N ARG B 113 -16.51 10.52 -17.76
CA ARG B 113 -15.89 9.22 -17.56
C ARG B 113 -14.74 9.06 -18.55
N LYS B 114 -15.01 8.43 -19.70
CA LYS B 114 -14.02 8.21 -20.75
C LYS B 114 -12.80 7.46 -20.22
N PHE B 115 -13.04 6.53 -19.30
CA PHE B 115 -11.97 5.77 -18.65
C PHE B 115 -11.83 4.42 -19.33
N ASP B 116 -10.72 4.21 -20.04
CA ASP B 116 -10.43 2.92 -20.63
C ASP B 116 -9.87 1.98 -19.58
N ASN B 117 -9.63 0.72 -19.98
CA ASN B 117 -9.16 -0.28 -19.03
C ASN B 117 -7.71 -0.05 -18.60
N VAL B 118 -6.98 0.84 -19.25
CA VAL B 118 -5.62 1.13 -18.85
C VAL B 118 -5.59 2.10 -17.66
N ILE B 119 -6.38 3.17 -17.74
CA ILE B 119 -6.41 4.14 -16.66
C ILE B 119 -7.05 3.51 -15.41
N LEU B 120 -8.03 2.63 -15.60
CA LEU B 120 -8.62 1.94 -14.46
C LEU B 120 -7.61 1.04 -13.76
N GLU B 121 -6.71 0.42 -14.53
CA GLU B 121 -5.65 -0.38 -13.92
C GLU B 121 -4.70 0.49 -13.12
N ARG B 122 -4.29 1.63 -13.68
CA ARG B 122 -3.44 2.56 -12.96
C ARG B 122 -4.09 2.98 -11.65
N ALA B 123 -5.38 3.31 -11.69
CA ALA B 123 -6.09 3.72 -10.48
C ALA B 123 -6.07 2.61 -9.44
N GLN B 124 -6.30 1.36 -9.87
CA GLN B 124 -6.23 0.25 -8.93
C GLN B 124 -4.83 0.09 -8.35
N ARG B 125 -3.80 0.35 -9.16
CA ARG B 125 -2.43 0.32 -8.64
C ARG B 125 -2.22 1.41 -7.59
N VAL B 126 -2.74 2.61 -7.85
CA VAL B 126 -2.62 3.69 -6.88
C VAL B 126 -3.47 3.40 -5.65
N ILE B 127 -4.58 2.68 -5.81
CA ILE B 127 -5.40 2.30 -4.66
C ILE B 127 -4.68 1.31 -3.77
N GLU B 128 -3.78 0.49 -4.34
CA GLU B 128 -2.97 -0.39 -3.50
C GLU B 128 -1.76 0.31 -2.90
N LEU B 129 -1.21 1.32 -3.59
CA LEU B 129 0.04 1.92 -3.15
C LEU B 129 -0.14 2.75 -1.87
N LEU B 130 -1.20 3.57 -1.79
CA LEU B 130 -1.43 4.37 -0.59
C LEU B 130 -1.93 3.53 0.58
N ARG B 131 -2.61 2.40 0.31
CA ARG B 131 -3.00 1.51 1.39
C ARG B 131 -1.77 0.88 2.05
N ARG B 132 -0.85 0.38 1.24
CA ARG B 132 0.34 -0.29 1.78
C ARG B 132 1.34 0.70 2.37
N TYR B 133 1.56 1.82 1.70
CA TYR B 133 2.48 2.85 2.18
C TYR B 133 1.83 3.83 3.15
N LYS B 134 0.65 3.49 3.67
CA LYS B 134 -0.10 4.32 4.62
C LYS B 134 -0.15 5.79 4.19
N ARG B 147 -4.51 2.35 22.01
CA ARG B 147 -5.27 3.25 21.14
C ARG B 147 -6.79 3.03 21.32
N PRO B 148 -7.35 1.95 20.75
CA PRO B 148 -8.81 1.87 20.65
C PRO B 148 -9.42 1.48 21.99
N PRO B 149 -10.64 1.90 22.26
CA PRO B 149 -11.37 1.32 23.39
C PRO B 149 -11.99 -0.01 22.96
N ARG B 150 -12.29 -0.85 23.93
CA ARG B 150 -13.05 -2.06 23.63
C ARG B 150 -14.46 -1.92 24.19
N THR B 151 -15.44 -2.22 23.34
CA THR B 151 -16.88 -1.95 23.48
C THR B 151 -17.57 -2.61 22.31
N ASP B 152 -18.89 -2.81 22.40
CA ASP B 152 -19.62 -3.46 21.30
C ASP B 152 -20.25 -2.46 20.34
N LYS B 153 -19.93 -1.18 20.44
CA LYS B 153 -20.60 -0.15 19.66
C LYS B 153 -19.79 0.21 18.42
N LYS B 154 -20.52 0.56 17.35
CA LYS B 154 -19.88 0.95 16.10
C LYS B 154 -18.97 2.14 16.31
N ILE B 155 -17.75 2.06 15.78
CA ILE B 155 -16.75 3.10 15.96
C ILE B 155 -16.88 4.10 14.81
N ILE B 156 -16.96 5.38 15.16
CA ILE B 156 -17.05 6.48 14.19
C ILE B 156 -15.97 7.49 14.51
N VAL B 157 -15.12 7.78 13.52
CA VAL B 157 -14.09 8.80 13.66
C VAL B 157 -14.56 10.06 12.93
N VAL B 158 -14.41 11.21 13.58
CA VAL B 158 -14.80 12.47 12.96
C VAL B 158 -13.57 13.36 12.86
N PRO B 159 -13.04 13.60 11.66
CA PRO B 159 -11.86 14.46 11.50
C PRO B 159 -12.25 15.93 11.55
N GLY B 160 -11.69 16.64 12.53
CA GLY B 160 -11.93 18.06 12.61
C GLY B 160 -11.28 18.82 11.48
N GLN B 161 -11.76 20.04 11.25
CA GLN B 161 -11.22 20.91 10.21
C GLN B 161 -11.00 22.29 10.78
N VAL B 162 -10.16 23.07 10.10
CA VAL B 162 -10.08 24.50 10.37
C VAL B 162 -11.37 25.14 9.85
N GLU B 163 -12.13 25.75 10.75
CA GLU B 163 -13.46 26.23 10.41
C GLU B 163 -13.42 27.40 9.41
N SER B 164 -12.25 27.99 9.16
CA SER B 164 -12.09 28.99 8.12
C SER B 164 -11.71 28.39 6.77
N ASP B 165 -11.76 27.06 6.64
CA ASP B 165 -11.49 26.42 5.36
C ASP B 165 -12.49 26.87 4.30
N ALA B 166 -11.97 27.19 3.11
CA ALA B 166 -12.83 27.56 1.99
C ALA B 166 -13.71 26.40 1.53
N SER B 167 -13.33 25.16 1.85
CA SER B 167 -14.17 24.01 1.51
C SER B 167 -15.41 23.91 2.38
N ILE B 168 -15.38 24.45 3.59
CA ILE B 168 -16.60 24.51 4.40
C ILE B 168 -17.51 25.62 3.89
N LYS B 169 -16.93 26.76 3.53
CA LYS B 169 -17.73 27.90 3.08
C LYS B 169 -18.44 27.61 1.76
N PHE B 170 -17.74 27.02 0.80
CA PHE B 170 -18.29 26.77 -0.52
C PHE B 170 -18.70 25.32 -0.74
N GLY B 171 -18.43 24.43 0.21
CA GLY B 171 -18.72 23.03 0.01
C GLY B 171 -19.71 22.43 1.00
N SER B 172 -20.02 23.17 2.06
CA SER B 172 -21.01 22.74 3.03
C SER B 172 -22.25 23.61 2.93
N PRO B 173 -23.44 23.04 2.70
CA PRO B 173 -24.63 23.86 2.51
C PRO B 173 -25.22 24.39 3.82
N TYR B 174 -25.01 23.68 4.93
CA TYR B 174 -25.66 24.04 6.19
C TYR B 174 -24.69 24.08 7.35
N ILE B 175 -24.05 22.94 7.65
CA ILE B 175 -23.18 22.84 8.82
C ILE B 175 -21.88 23.59 8.55
N LYS B 176 -21.45 24.39 9.53
CA LYS B 176 -20.26 25.22 9.36
C LYS B 176 -19.22 25.06 10.46
N THR B 177 -19.53 24.43 11.58
CA THR B 177 -18.59 24.29 12.69
C THR B 177 -18.38 22.81 13.01
N ASN B 178 -17.33 22.55 13.79
CA ASN B 178 -17.08 21.19 14.24
C ASN B 178 -18.09 20.77 15.30
N LEU B 179 -18.49 21.70 16.18
CA LEU B 179 -19.52 21.41 17.16
C LEU B 179 -20.82 20.99 16.49
N GLU B 180 -21.26 21.76 15.48
CA GLU B 180 -22.45 21.37 14.73
C GLU B 180 -22.25 20.06 14.00
N LEU B 181 -21.03 19.81 13.50
CA LEU B 181 -20.74 18.55 12.83
C LEU B 181 -20.87 17.38 13.81
N LEU B 182 -20.25 17.51 14.99
CA LEU B 182 -20.37 16.45 15.99
C LEU B 182 -21.81 16.31 16.47
N LYS B 183 -22.53 17.42 16.60
CA LYS B 183 -23.93 17.37 17.03
C LYS B 183 -24.78 16.57 16.05
N SER B 184 -24.54 16.74 14.75
CA SER B 184 -25.31 16.02 13.73
C SER B 184 -24.91 14.56 13.64
N VAL B 185 -23.62 14.25 13.83
CA VAL B 185 -23.17 12.86 13.81
C VAL B 185 -23.87 12.06 14.90
N ARG B 186 -23.89 12.61 16.13
CA ARG B 186 -24.56 11.94 17.23
C ARG B 186 -26.05 11.80 16.98
N GLU B 187 -26.66 12.77 16.30
CA GLU B 187 -28.09 12.70 16.01
C GLU B 187 -28.42 11.54 15.08
N HIS B 188 -27.59 11.31 14.07
CA HIS B 188 -27.84 10.20 13.14
C HIS B 188 -27.33 8.87 13.67
N ASN B 189 -26.39 8.88 14.62
CA ASN B 189 -25.81 7.66 15.18
C ASN B 189 -25.88 7.76 16.70
N PRO B 190 -27.05 7.47 17.29
CA PRO B 190 -27.19 7.66 18.74
C PRO B 190 -26.38 6.69 19.58
N ASN B 191 -26.19 5.45 19.11
CA ASN B 191 -25.56 4.40 19.91
C ASN B 191 -24.16 4.05 19.44
N ALA B 192 -23.56 4.87 18.59
CA ALA B 192 -22.22 4.59 18.08
C ALA B 192 -21.17 5.30 18.92
N TYR B 193 -20.00 4.68 19.01
CA TYR B 193 -18.87 5.28 19.72
C TYR B 193 -18.17 6.27 18.79
N ILE B 194 -18.20 7.55 19.15
CA ILE B 194 -17.69 8.62 18.30
C ILE B 194 -16.39 9.15 18.90
N VAL B 195 -15.33 9.15 18.09
CA VAL B 195 -14.05 9.73 18.47
C VAL B 195 -13.78 10.92 17.56
N TYR B 196 -13.46 12.06 18.17
CA TYR B 196 -13.22 13.30 17.45
C TYR B 196 -11.72 13.57 17.39
N LYS B 197 -11.23 13.91 16.20
CA LYS B 197 -9.82 14.26 15.99
C LYS B 197 -9.75 15.71 15.53
N PRO B 198 -9.52 16.66 16.42
CA PRO B 198 -9.43 18.07 16.02
C PRO B 198 -8.25 18.31 15.09
N HIS B 199 -8.36 19.38 14.31
CA HIS B 199 -7.29 19.74 13.40
C HIS B 199 -6.07 20.19 14.20
N PRO B 200 -4.86 19.79 13.80
CA PRO B 200 -3.67 20.16 14.58
C PRO B 200 -3.44 21.67 14.64
N ASP B 201 -3.93 22.43 13.67
CA ASP B 201 -3.84 23.88 13.75
C ASP B 201 -4.80 24.47 14.77
N VAL B 202 -5.74 23.67 15.29
CA VAL B 202 -6.72 24.15 16.24
C VAL B 202 -6.47 23.54 17.62
N SER B 210 -14.66 28.75 19.69
CA SER B 210 -13.39 28.22 20.15
C SER B 210 -13.42 26.71 20.41
N TYR B 211 -12.24 26.16 20.69
CA TYR B 211 -12.10 24.73 20.95
C TYR B 211 -12.23 24.48 22.44
N LYS B 212 -13.22 23.66 22.83
CA LYS B 212 -13.42 23.33 24.23
C LYS B 212 -13.88 21.87 24.37
N PRO B 213 -13.14 21.04 25.11
CA PRO B 213 -13.52 19.62 25.17
C PRO B 213 -14.86 19.38 25.85
N GLY B 214 -15.17 20.12 26.91
CA GLY B 214 -16.40 19.88 27.65
C GLY B 214 -17.64 19.97 26.79
N GLU B 215 -17.67 20.91 25.85
CA GLU B 215 -18.78 21.01 24.93
C GLU B 215 -18.74 19.89 23.90
N LEU B 216 -17.57 19.64 23.32
CA LEU B 216 -17.44 18.59 22.31
C LEU B 216 -17.84 17.23 22.87
N LEU B 217 -17.41 16.93 24.10
CA LEU B 217 -17.72 15.65 24.72
C LEU B 217 -19.19 15.50 25.11
N LYS B 218 -20.01 16.54 24.94
CA LYS B 218 -21.46 16.37 25.10
C LYS B 218 -22.06 15.58 23.95
N PHE B 219 -21.33 15.43 22.85
CA PHE B 219 -21.79 14.65 21.70
C PHE B 219 -20.85 13.53 21.33
N CYS B 220 -19.54 13.77 21.38
CA CYS B 220 -18.55 12.73 21.11
C CYS B 220 -18.14 12.05 22.41
N ASP B 221 -17.55 10.86 22.27
CA ASP B 221 -17.11 10.07 23.42
C ASP B 221 -15.64 10.25 23.74
N GLU B 222 -14.80 10.50 22.74
CA GLU B 222 -13.36 10.58 22.93
C GLU B 222 -12.78 11.64 22.00
N ILE B 223 -11.75 12.35 22.49
CA ILE B 223 -11.00 13.31 21.69
C ILE B 223 -9.56 12.79 21.59
N CYS B 224 -9.02 12.79 20.38
CA CYS B 224 -7.69 12.26 20.08
C CYS B 224 -6.96 13.26 19.18
N VAL B 225 -5.84 13.78 19.65
CA VAL B 225 -4.97 14.59 18.80
C VAL B 225 -3.87 13.75 18.14
N ASN B 226 -3.60 12.55 18.64
CA ASN B 226 -2.55 11.71 18.08
C ASN B 226 -3.11 10.41 17.50
N SER B 229 -1.77 9.52 13.93
CA SER B 229 -1.75 9.16 12.51
C SER B 229 -3.14 8.82 12.01
N TYR B 230 -3.22 8.30 10.78
CA TYR B 230 -4.50 7.84 10.24
C TYR B 230 -4.96 6.54 10.88
N ASP B 231 -4.07 5.84 11.59
CA ASP B 231 -4.31 4.54 12.20
C ASP B 231 -5.70 4.40 12.83
N ILE B 232 -6.30 5.51 13.24
CA ILE B 232 -7.68 5.48 13.74
C ILE B 232 -8.64 5.00 12.66
N ILE B 233 -8.29 5.21 11.38
CA ILE B 233 -9.13 4.72 10.30
C ILE B 233 -9.28 3.21 10.37
N SER B 234 -8.17 2.50 10.60
CA SER B 234 -8.22 1.05 10.72
C SER B 234 -9.02 0.61 11.94
N TYR B 235 -9.03 1.43 13.00
CA TYR B 235 -9.84 1.15 14.17
C TYR B 235 -11.27 1.62 14.03
N ALA B 236 -11.57 2.47 13.04
CA ALA B 236 -12.90 3.03 12.88
C ALA B 236 -13.73 2.19 11.92
N ASP B 237 -14.97 1.91 12.31
CA ASP B 237 -15.89 1.25 11.39
C ASP B 237 -16.36 2.20 10.30
N GLU B 238 -16.67 3.45 10.67
CA GLU B 238 -17.15 4.44 9.73
C GLU B 238 -16.41 5.77 9.96
N VAL B 239 -16.29 6.54 8.88
CA VAL B 239 -15.65 7.85 8.91
C VAL B 239 -16.68 8.90 8.50
N HIS B 240 -16.96 9.84 9.40
CA HIS B 240 -18.00 10.83 9.21
C HIS B 240 -17.35 12.22 9.11
N VAL B 241 -17.44 12.82 7.92
CA VAL B 241 -16.71 14.04 7.61
C VAL B 241 -17.68 15.15 7.24
N LEU B 242 -17.15 16.38 7.26
CA LEU B 242 -17.86 17.52 6.71
C LEU B 242 -17.46 17.70 5.25
N THR B 243 -16.29 18.32 5.02
CA THR B 243 -15.73 18.43 3.67
C THR B 243 -14.26 18.02 3.64
N SER B 244 -13.79 17.31 4.67
CA SER B 244 -12.37 17.05 4.81
C SER B 244 -11.85 16.08 3.77
N LEU B 245 -10.65 16.37 3.24
CA LEU B 245 -9.97 15.43 2.36
C LEU B 245 -9.70 14.10 3.06
N PHE B 246 -9.66 14.11 4.40
CA PHE B 246 -9.55 12.88 5.17
C PHE B 246 -10.57 11.84 4.74
N GLY B 247 -11.77 12.27 4.37
CA GLY B 247 -12.78 11.34 3.91
C GLY B 247 -12.45 10.70 2.58
N PHE B 248 -11.66 11.39 1.74
CA PHE B 248 -11.22 10.78 0.50
C PHE B 248 -10.19 9.69 0.75
N GLU B 249 -9.26 9.94 1.69
CA GLU B 249 -8.27 8.93 2.04
C GLU B 249 -8.92 7.70 2.67
N ALA B 250 -10.04 7.88 3.36
CA ALA B 250 -10.73 6.73 3.96
C ALA B 250 -11.45 5.89 2.92
N LEU B 251 -11.91 6.52 1.83
CA LEU B 251 -12.48 5.75 0.72
C LEU B 251 -11.41 4.88 0.09
N ILE B 252 -10.22 5.44 -0.16
CA ILE B 252 -9.12 4.65 -0.70
C ILE B 252 -8.73 3.54 0.26
N ALA B 253 -8.86 3.79 1.57
CA ALA B 253 -8.61 2.76 2.56
C ALA B 253 -9.70 1.71 2.63
N GLY B 254 -10.77 1.86 1.85
CA GLY B 254 -11.86 0.91 1.85
C GLY B 254 -12.90 1.10 2.93
N LYS B 255 -12.81 2.19 3.72
CA LYS B 255 -13.75 2.38 4.81
C LYS B 255 -15.00 3.12 4.34
N PRO B 256 -16.15 2.81 4.93
CA PRO B 256 -17.37 3.55 4.60
C PRO B 256 -17.31 4.97 5.12
N VAL B 257 -17.77 5.91 4.28
CA VAL B 257 -17.68 7.34 4.58
C VAL B 257 -19.08 7.93 4.53
N THR B 258 -19.43 8.70 5.56
CA THR B 258 -20.66 9.48 5.61
C THR B 258 -20.30 10.95 5.49
N CYS B 259 -20.93 11.65 4.55
CA CYS B 259 -20.66 13.06 4.29
C CYS B 259 -21.77 13.92 4.85
N TYR B 260 -21.40 14.90 5.67
CA TYR B 260 -22.33 15.89 6.18
C TYR B 260 -22.25 17.21 5.43
N GLY B 261 -21.34 17.30 4.46
CA GLY B 261 -21.25 18.40 3.53
C GLY B 261 -21.25 17.87 2.10
N HIS B 262 -20.64 18.63 1.20
CA HIS B 262 -20.51 18.26 -0.20
C HIS B 262 -19.06 18.38 -0.65
N PRO B 263 -18.18 17.51 -0.17
CA PRO B 263 -16.81 17.49 -0.70
C PRO B 263 -16.79 16.99 -2.13
N PHE B 264 -15.61 17.09 -2.76
CA PHE B 264 -15.49 16.74 -4.17
C PHE B 264 -15.80 15.27 -4.43
N TYR B 265 -15.71 14.41 -3.43
CA TYR B 265 -15.95 12.99 -3.60
C TYR B 265 -17.37 12.57 -3.28
N ALA B 266 -18.22 13.49 -2.82
CA ALA B 266 -19.59 13.18 -2.48
C ALA B 266 -20.49 13.25 -3.72
N GLY B 267 -21.72 12.78 -3.56
CA GLY B 267 -22.67 12.79 -4.66
C GLY B 267 -22.37 11.82 -5.79
N TYR B 268 -21.45 10.87 -5.57
CA TYR B 268 -21.11 9.88 -6.59
C TYR B 268 -21.48 8.47 -6.16
N GLY B 269 -22.36 8.32 -5.16
CA GLY B 269 -22.79 7.01 -4.72
C GLY B 269 -21.76 6.23 -3.93
N LEU B 270 -20.55 6.76 -3.76
CA LEU B 270 -19.52 6.09 -2.98
C LEU B 270 -19.56 6.44 -1.52
N THR B 271 -20.34 7.45 -1.14
CA THR B 271 -20.49 7.88 0.24
C THR B 271 -21.95 8.12 0.52
N THR B 272 -22.40 7.77 1.73
CA THR B 272 -23.74 8.12 2.15
C THR B 272 -23.76 9.59 2.57
N ASP B 273 -24.54 10.39 1.84
CA ASP B 273 -24.60 11.84 2.04
C ASP B 273 -25.84 12.18 2.87
N ILE B 274 -25.65 13.03 3.88
CA ILE B 274 -26.78 13.45 4.69
C ILE B 274 -27.64 14.45 3.93
N TYR B 275 -27.00 15.42 3.31
CA TYR B 275 -27.70 16.37 2.47
C TYR B 275 -27.43 16.03 1.02
N PRO B 276 -28.46 15.90 0.18
CA PRO B 276 -28.26 15.51 -1.21
C PRO B 276 -27.42 16.55 -1.95
N HIS B 277 -26.59 16.07 -2.85
CA HIS B 277 -25.88 17.00 -3.70
C HIS B 277 -26.87 17.60 -4.68
N PRO B 278 -27.03 18.92 -4.68
CA PRO B 278 -28.04 19.53 -5.56
C PRO B 278 -27.74 19.37 -7.03
N ARG B 279 -26.55 18.88 -7.40
CA ARG B 279 -26.08 18.94 -8.79
C ARG B 279 -25.42 17.66 -9.27
N ARG B 280 -25.48 16.56 -8.53
CA ARG B 280 -24.72 15.36 -8.86
C ARG B 280 -25.65 14.14 -8.85
N ASN B 281 -25.79 13.51 -10.02
CA ASN B 281 -26.61 12.31 -10.18
C ASN B 281 -25.80 11.06 -10.49
N ILE B 282 -24.57 11.20 -10.99
CA ILE B 282 -23.82 10.05 -11.49
C ILE B 282 -23.37 9.18 -10.32
N LYS B 283 -23.49 7.87 -10.51
CA LYS B 283 -22.89 6.90 -9.60
C LYS B 283 -21.53 6.48 -10.14
N LEU B 284 -20.50 6.57 -9.31
CA LEU B 284 -19.13 6.29 -9.70
C LEU B 284 -18.62 5.02 -9.01
N SER B 285 -17.50 4.53 -9.51
CA SER B 285 -16.73 3.48 -8.87
C SER B 285 -15.45 4.09 -8.28
N LEU B 286 -14.87 3.39 -7.32
CA LEU B 286 -13.67 3.91 -6.67
C LEU B 286 -12.53 4.12 -7.67
N GLN B 287 -12.42 3.23 -8.66
CA GLN B 287 -11.41 3.41 -9.69
C GLN B 287 -11.67 4.65 -10.53
N GLU B 288 -12.93 4.87 -10.93
CA GLU B 288 -13.26 6.06 -11.72
C GLU B 288 -12.98 7.33 -10.93
N LEU B 289 -13.35 7.34 -9.64
CA LEU B 289 -13.06 8.51 -8.81
C LEU B 289 -11.56 8.77 -8.74
N VAL B 290 -10.77 7.73 -8.47
CA VAL B 290 -9.33 7.89 -8.34
C VAL B 290 -8.72 8.28 -9.69
N ALA B 291 -9.20 7.67 -10.78
CA ALA B 291 -8.66 7.99 -12.10
C ALA B 291 -8.84 9.46 -12.43
N GLY B 292 -9.98 10.04 -12.06
CA GLY B 292 -10.22 11.44 -12.31
C GLY B 292 -9.55 12.36 -11.31
N ALA B 293 -9.74 12.08 -10.01
CA ALA B 293 -9.27 13.00 -8.98
C ALA B 293 -7.76 12.96 -8.83
N LEU B 294 -7.14 11.79 -8.98
CA LEU B 294 -5.71 11.65 -8.71
C LEU B 294 -4.85 11.54 -9.97
N LEU B 295 -5.35 10.91 -11.03
CA LEU B 295 -4.51 10.64 -12.20
C LEU B 295 -4.64 11.72 -13.27
N LEU B 296 -5.83 12.28 -13.47
CA LEU B 296 -6.09 13.24 -14.53
C LEU B 296 -6.17 14.68 -14.05
N TYR B 297 -6.73 14.92 -12.87
CA TYR B 297 -7.01 16.29 -12.44
C TYR B 297 -5.75 17.04 -12.01
N PRO B 298 -4.89 16.52 -11.14
CA PRO B 298 -3.74 17.30 -10.69
C PRO B 298 -2.53 17.14 -11.59
N MET B 299 -1.63 18.12 -11.50
CA MET B 299 -0.33 18.05 -12.12
C MET B 299 0.69 17.52 -11.11
N TYR B 300 1.75 16.91 -11.63
CA TYR B 300 2.82 16.38 -10.80
C TYR B 300 4.15 16.80 -11.41
N VAL B 301 5.04 17.34 -10.56
CA VAL B 301 6.38 17.75 -10.98
C VAL B 301 7.37 17.11 -10.02
N SER B 302 8.40 16.46 -10.58
CA SER B 302 9.38 15.76 -9.78
C SER B 302 10.11 16.72 -8.84
N LEU B 303 10.31 16.27 -7.60
CA LEU B 303 11.07 17.06 -6.63
C LEU B 303 12.58 16.96 -6.85
N ILE B 304 13.05 16.00 -7.65
CA ILE B 304 14.48 15.82 -7.86
C ILE B 304 14.94 16.64 -9.06
N ASP B 305 14.38 16.37 -10.24
CA ASP B 305 14.82 17.02 -11.46
C ASP B 305 13.88 18.11 -11.96
N GLY B 306 12.64 18.14 -11.48
CA GLY B 306 11.71 19.18 -11.86
C GLY B 306 10.91 18.93 -13.12
N ASN B 307 10.84 17.68 -13.58
CA ASN B 307 10.07 17.33 -14.77
C ASN B 307 8.69 16.83 -14.39
N ARG B 308 7.81 16.84 -15.39
CA ARG B 308 6.46 16.30 -15.20
C ARG B 308 6.51 14.79 -15.05
N ILE B 309 5.82 14.27 -14.04
CA ILE B 309 5.78 12.84 -13.77
C ILE B 309 4.33 12.43 -13.53
N SER B 310 4.12 11.12 -13.46
CA SER B 310 2.80 10.58 -13.20
C SER B 310 2.53 10.54 -11.70
N ALA B 311 1.30 10.15 -11.35
CA ALA B 311 0.96 10.02 -9.94
C ALA B 311 1.70 8.87 -9.29
N GLU B 312 1.87 7.76 -10.01
CA GLU B 312 2.65 6.64 -9.48
C GLU B 312 4.09 7.04 -9.21
N GLU B 313 4.70 7.78 -10.13
CA GLU B 313 6.06 8.24 -9.92
C GLU B 313 6.15 9.20 -8.74
N ALA B 314 5.14 10.06 -8.58
CA ALA B 314 5.12 10.99 -7.46
C ALA B 314 5.01 10.25 -6.13
N ILE B 315 4.29 9.13 -6.11
CA ILE B 315 4.22 8.32 -4.89
C ILE B 315 5.54 7.60 -4.66
N PHE B 316 6.14 7.06 -5.72
CA PHE B 316 7.44 6.40 -5.59
C PHE B 316 8.51 7.39 -5.17
N GLU B 317 8.44 8.63 -5.68
CA GLU B 317 9.41 9.64 -5.29
C GLU B 317 9.22 10.04 -3.84
N LEU B 318 7.99 10.01 -3.34
CA LEU B 318 7.70 10.42 -1.97
C LEU B 318 8.17 9.38 -0.97
N VAL B 319 7.85 8.11 -1.20
CA VAL B 319 8.21 7.07 -0.25
C VAL B 319 9.72 6.83 -0.26
N ASN B 320 10.39 7.09 -1.40
CA ASN B 320 11.84 7.07 -1.40
C ASN B 320 12.41 8.25 -0.63
N LEU B 321 11.71 9.39 -0.62
CA LEU B 321 12.14 10.52 0.19
C LEU B 321 11.96 10.24 1.67
N LYS B 322 10.94 9.46 2.05
CA LYS B 322 10.75 9.13 3.45
C LYS B 322 11.75 8.08 3.91
N LYS B 323 12.16 7.18 3.02
CA LYS B 323 13.08 6.10 3.38
C LYS B 323 14.46 6.63 3.72
#